data_6MYE
#
_entry.id   6MYE
#
_cell.length_a   67.890
_cell.length_b   67.890
_cell.length_c   44.150
_cell.angle_alpha   90.00
_cell.angle_beta   90.00
_cell.angle_gamma   90.00
#
_symmetry.space_group_name_H-M   'P 43 21 2'
#
loop_
_entity.id
_entity.type
_entity.pdbx_description
1 polymer 'Protein scribble homolog'
2 polymer 'Rho guanine nucleotide exchange factor 26, peptide'
3 non-polymer 'FORMIC ACID'
4 water water
#
loop_
_entity_poly.entity_id
_entity_poly.type
_entity_poly.pdbx_seq_one_letter_code
_entity_poly.pdbx_strand_id
1 'polypeptide(L)'
;GAMGEELTLTILRQTGGLGISIAGGKGSTPYKGDDEGIFISRVSEEGPAARAGVRVGDKLLEVNGVALQGAEHHEAVEAL
RGAGTAVQMRVWRER
;
A
2 'polypeptide(L)' (ACE)KPNGLLITDFP(NH2) B
#
loop_
_chem_comp.id
_chem_comp.type
_chem_comp.name
_chem_comp.formula
ACE non-polymer 'ACETYL GROUP' 'C2 H4 O'
FMT non-polymer 'FORMIC ACID' 'C H2 O2'
NH2 non-polymer 'AMINO GROUP' 'H2 N'
#
# COMPACT_ATOMS: atom_id res chain seq x y z
N MET A 3 -2.38 -20.01 1.18
CA MET A 3 -3.78 -19.65 1.01
C MET A 3 -4.07 -18.24 1.49
N GLY A 4 -5.17 -17.68 1.00
CA GLY A 4 -5.51 -16.31 1.34
C GLY A 4 -6.73 -15.85 0.57
N GLU A 5 -6.91 -14.53 0.51
CA GLU A 5 -8.07 -13.95 -0.15
C GLU A 5 -7.68 -12.61 -0.74
N GLU A 6 -8.37 -12.23 -1.80
N GLU A 6 -8.34 -12.24 -1.82
CA GLU A 6 -8.23 -10.92 -2.41
CA GLU A 6 -8.21 -10.91 -2.40
C GLU A 6 -9.36 -10.04 -1.90
C GLU A 6 -9.35 -10.04 -1.90
N LEU A 7 -9.04 -8.79 -1.59
CA LEU A 7 -10.03 -7.82 -1.15
C LEU A 7 -9.75 -6.53 -1.90
N THR A 8 -10.79 -5.79 -2.24
CA THR A 8 -10.62 -4.44 -2.72
C THR A 8 -11.23 -3.50 -1.69
N LEU A 9 -10.37 -2.71 -1.03
N LEU A 9 -10.40 -2.63 -1.12
CA LEU A 9 -10.76 -1.76 -0.01
CA LEU A 9 -10.82 -1.76 -0.03
C LEU A 9 -10.86 -0.37 -0.62
C LEU A 9 -10.73 -0.30 -0.45
N THR A 10 -11.73 0.46 -0.06
CA THR A 10 -11.92 1.83 -0.54
C THR A 10 -11.59 2.78 0.60
N ILE A 11 -10.45 3.47 0.49
CA ILE A 11 -10.00 4.40 1.51
C ILE A 11 -10.62 5.75 1.24
N LEU A 12 -11.40 6.25 2.19
CA LEU A 12 -12.07 7.55 2.07
C LEU A 12 -11.22 8.57 2.82
N ARG A 13 -10.39 9.33 2.11
N ARG A 13 -10.48 9.36 2.05
CA ARG A 13 -9.49 10.22 2.83
CA ARG A 13 -9.56 10.34 2.59
C ARG A 13 -10.26 11.28 3.61
C ARG A 13 -10.28 11.30 3.53
N GLN A 14 -9.77 11.63 4.80
N GLN A 14 -9.68 11.58 4.67
CA GLN A 14 -10.35 12.73 5.57
CA GLN A 14 -10.13 12.61 5.57
C GLN A 14 -9.35 13.88 5.63
C GLN A 14 -9.02 13.64 5.70
N THR A 15 -9.13 14.47 6.80
N THR A 15 -9.18 14.58 6.62
CA THR A 15 -8.23 15.61 6.92
CA THR A 15 -8.10 15.51 6.92
C THR A 15 -6.86 15.25 7.45
C THR A 15 -6.92 14.70 7.45
N GLY A 16 -6.56 13.96 7.59
N GLY A 16 -5.74 14.97 6.89
CA GLY A 16 -5.30 13.58 8.21
CA GLY A 16 -4.52 14.36 7.40
C GLY A 16 -4.47 12.65 7.36
C GLY A 16 -3.96 13.18 6.61
N GLY A 17 -4.65 12.70 6.04
N GLY A 17 -4.54 12.84 5.47
CA GLY A 17 -3.89 11.86 5.13
CA GLY A 17 -3.91 11.87 4.59
C GLY A 17 -4.40 10.44 5.09
C GLY A 17 -4.46 10.46 4.70
N LEU A 18 -3.74 9.63 4.25
N LEU A 18 -3.72 9.51 4.10
CA LEU A 18 -4.17 8.24 4.05
CA LEU A 18 -4.17 8.14 3.99
C LEU A 18 -3.90 7.36 5.25
C LEU A 18 -3.85 7.28 5.20
N GLY A 19 -2.82 7.63 5.98
CA GLY A 19 -2.48 6.83 7.14
C GLY A 19 -1.97 5.43 6.84
N ILE A 20 -1.10 5.29 5.83
N ILE A 20 -0.97 5.34 5.96
CA ILE A 20 -0.44 4.02 5.54
CA ILE A 20 -0.52 4.04 5.42
C ILE A 20 1.02 4.26 5.21
C ILE A 20 0.92 4.18 4.95
N SER A 21 1.76 3.16 5.24
CA SER A 21 3.08 3.08 4.66
C SER A 21 3.13 1.84 3.77
N ILE A 22 3.92 1.93 2.71
CA ILE A 22 4.14 0.81 1.81
C ILE A 22 5.62 0.45 1.78
N ALA A 23 5.88 -0.83 1.55
CA ALA A 23 7.24 -1.37 1.58
C ALA A 23 7.45 -2.35 0.43
N GLY A 24 8.71 -2.48 0.01
CA GLY A 24 9.07 -3.51 -0.95
C GLY A 24 9.14 -2.99 -2.37
N GLY A 25 9.35 -3.92 -3.29
CA GLY A 25 9.43 -3.59 -4.70
C GLY A 25 10.53 -4.37 -5.40
N LYS A 26 10.33 -4.56 -6.70
CA LYS A 26 11.29 -5.31 -7.51
C LYS A 26 12.68 -4.71 -7.40
N GLY A 27 13.67 -5.55 -7.14
CA GLY A 27 15.05 -5.11 -7.12
C GLY A 27 15.54 -4.53 -5.81
N SER A 28 14.73 -4.48 -4.77
CA SER A 28 15.15 -3.97 -3.47
C SER A 28 14.93 -5.06 -2.42
N THR A 29 15.21 -4.74 -1.17
CA THR A 29 15.11 -5.77 -0.12
C THR A 29 13.66 -6.22 0.02
N PRO A 30 13.37 -7.52 -0.04
N PRO A 30 13.37 -7.52 -0.07
CA PRO A 30 11.99 -7.97 0.13
CA PRO A 30 12.00 -7.98 0.13
C PRO A 30 11.45 -7.68 1.52
C PRO A 30 11.47 -7.64 1.52
N TYR A 31 10.21 -7.19 1.56
N TYR A 31 10.22 -7.23 1.56
CA TYR A 31 9.53 -6.98 2.84
CA TYR A 31 9.56 -6.95 2.84
C TYR A 31 9.26 -8.28 3.56
C TYR A 31 9.10 -8.23 3.54
N LYS A 32 8.92 -9.33 2.81
CA LYS A 32 8.39 -10.57 3.35
C LYS A 32 9.06 -11.69 2.58
N GLY A 33 9.73 -12.59 3.30
CA GLY A 33 10.40 -13.71 2.65
C GLY A 33 11.29 -13.24 1.51
N ASP A 34 11.17 -13.92 0.37
CA ASP A 34 11.83 -13.49 -0.86
C ASP A 34 10.85 -12.86 -1.84
N ASP A 35 9.71 -12.39 -1.34
CA ASP A 35 8.69 -11.80 -2.19
C ASP A 35 9.02 -10.33 -2.41
N GLU A 36 9.20 -9.96 -3.68
CA GLU A 36 9.54 -8.59 -4.05
C GLU A 36 8.31 -7.71 -4.25
N GLY A 37 7.13 -8.16 -3.83
CA GLY A 37 5.93 -7.38 -4.02
C GLY A 37 5.92 -6.15 -3.14
N ILE A 38 4.93 -5.29 -3.46
N ILE A 38 4.85 -5.36 -3.27
CA ILE A 38 4.58 -4.13 -2.66
CA ILE A 38 4.72 -4.15 -2.46
C ILE A 38 3.66 -4.60 -1.57
C ILE A 38 3.65 -4.37 -1.40
N PHE A 39 3.97 -4.22 -0.33
N PHE A 39 4.00 -4.15 -0.14
CA PHE A 39 3.18 -4.60 0.82
CA PHE A 39 3.14 -4.52 0.98
C PHE A 39 2.82 -3.38 1.64
C PHE A 39 2.79 -3.31 1.82
N ILE A 40 1.77 -3.53 2.43
N ILE A 40 1.59 -3.34 2.38
CA ILE A 40 1.36 -2.51 3.40
CA ILE A 40 1.27 -2.43 3.47
C ILE A 40 2.12 -2.79 4.69
C ILE A 40 2.17 -2.81 4.64
N SER A 41 3.01 -1.87 5.07
CA SER A 41 3.87 -2.09 6.22
C SER A 41 3.41 -1.37 7.48
N ARG A 42 2.45 -0.45 7.36
CA ARG A 42 1.97 0.30 8.51
C ARG A 42 0.58 0.82 8.16
N VAL A 43 -0.32 0.77 9.14
CA VAL A 43 -1.66 1.34 9.02
C VAL A 43 -1.91 2.14 10.27
N SER A 44 -2.08 3.45 10.13
N SER A 44 -2.10 3.45 10.14
N SER A 44 -2.08 3.45 10.13
CA SER A 44 -2.44 4.29 11.27
CA SER A 44 -2.36 4.26 11.32
CA SER A 44 -2.43 4.28 11.28
C SER A 44 -3.73 3.78 11.88
C SER A 44 -3.73 3.90 11.91
C SER A 44 -3.73 3.81 11.88
N GLU A 45 -3.74 3.63 13.21
CA GLU A 45 -4.93 3.10 13.86
C GLU A 45 -6.14 4.01 13.71
N GLU A 46 -5.95 5.33 13.71
CA GLU A 46 -7.04 6.28 13.62
C GLU A 46 -7.29 6.76 12.20
N GLY A 47 -6.56 6.24 11.22
CA GLY A 47 -6.64 6.76 9.88
C GLY A 47 -7.66 6.07 9.01
N PRO A 48 -7.82 6.59 7.78
N PRO A 48 -7.84 6.62 7.80
CA PRO A 48 -8.89 6.07 6.91
CA PRO A 48 -8.87 6.09 6.90
C PRO A 48 -8.56 4.72 6.29
C PRO A 48 -8.57 4.72 6.37
N ALA A 49 -7.29 4.36 6.19
CA ALA A 49 -6.98 3.03 5.69
C ALA A 49 -7.40 1.96 6.69
N ALA A 50 -7.15 2.20 7.98
CA ALA A 50 -7.65 1.27 8.99
C ALA A 50 -9.16 1.16 8.93
N ARG A 51 -9.83 2.30 8.82
CA ARG A 51 -11.30 2.27 8.78
C ARG A 51 -11.80 1.47 7.60
N ALA A 52 -11.12 1.57 6.46
CA ALA A 52 -11.55 0.85 5.28
C ALA A 52 -11.31 -0.65 5.39
N GLY A 53 -10.44 -1.07 6.30
CA GLY A 53 -10.12 -2.47 6.48
C GLY A 53 -8.79 -2.91 5.94
N VAL A 54 -7.90 -1.98 5.56
CA VAL A 54 -6.56 -2.35 5.13
C VAL A 54 -5.76 -2.82 6.34
N ARG A 55 -4.93 -3.85 6.15
CA ARG A 55 -4.15 -4.43 7.24
C ARG A 55 -2.68 -4.50 6.89
N VAL A 56 -1.84 -4.34 7.92
CA VAL A 56 -0.42 -4.58 7.73
C VAL A 56 -0.20 -5.99 7.18
N GLY A 57 0.68 -6.10 6.20
CA GLY A 57 0.98 -7.35 5.56
C GLY A 57 0.17 -7.63 4.33
N ASP A 58 -0.86 -6.81 4.06
CA ASP A 58 -1.58 -6.95 2.80
C ASP A 58 -0.61 -6.67 1.65
N LYS A 59 -0.70 -7.48 0.60
N LYS A 59 -0.73 -7.43 0.57
CA LYS A 59 0.11 -7.29 -0.60
CA LYS A 59 0.12 -7.23 -0.60
C LYS A 59 -0.69 -6.45 -1.59
C LYS A 59 -0.63 -6.37 -1.61
N LEU A 60 -0.11 -5.36 -2.04
N LEU A 60 -0.05 -5.23 -1.98
CA LEU A 60 -0.83 -4.39 -2.85
CA LEU A 60 -0.66 -4.38 -2.98
C LEU A 60 -0.74 -4.77 -4.33
C LEU A 60 -0.71 -5.08 -4.33
N LEU A 61 -1.89 -5.10 -4.93
CA LEU A 61 -1.99 -5.56 -6.29
C LEU A 61 -2.34 -4.46 -7.27
N GLU A 62 -3.25 -3.56 -6.89
CA GLU A 62 -3.67 -2.48 -7.77
C GLU A 62 -4.07 -1.28 -6.92
N VAL A 63 -3.86 -0.08 -7.48
CA VAL A 63 -4.36 1.16 -6.91
C VAL A 63 -5.17 1.85 -7.99
N ASN A 64 -6.46 2.06 -7.74
CA ASN A 64 -7.37 2.64 -8.72
C ASN A 64 -7.23 1.94 -10.07
N GLY A 65 -7.08 0.61 -10.02
CA GLY A 65 -7.06 -0.20 -11.22
C GLY A 65 -5.71 -0.28 -11.91
N VAL A 66 -4.69 0.41 -11.40
CA VAL A 66 -3.35 0.36 -12.01
C VAL A 66 -2.60 -0.79 -11.36
N ALA A 67 -2.13 -1.73 -12.19
CA ALA A 67 -1.51 -2.94 -11.68
C ALA A 67 -0.12 -2.66 -11.13
N LEU A 68 0.20 -3.30 -10.01
N LEU A 68 0.17 -3.26 -9.97
CA LEU A 68 1.50 -3.15 -9.37
CA LEU A 68 1.46 -3.15 -9.32
C LEU A 68 2.25 -4.47 -9.24
C LEU A 68 2.14 -4.51 -9.18
N GLN A 69 1.74 -5.55 -9.83
N GLN A 69 1.75 -5.48 -10.00
CA GLN A 69 2.47 -6.81 -9.81
CA GLN A 69 2.47 -6.74 -10.06
C GLN A 69 3.76 -6.68 -10.60
C GLN A 69 3.86 -6.49 -10.64
N GLY A 70 4.88 -6.98 -9.94
CA GLY A 70 6.21 -6.82 -10.48
C GLY A 70 6.75 -5.41 -10.46
N ALA A 71 6.08 -4.49 -9.76
CA ALA A 71 6.48 -3.10 -9.80
C ALA A 71 7.71 -2.83 -8.94
N GLU A 72 8.48 -1.82 -9.33
N GLU A 72 8.47 -1.83 -9.34
CA GLU A 72 9.47 -1.25 -8.46
CA GLU A 72 9.47 -1.25 -8.45
C GLU A 72 8.78 -0.32 -7.45
C GLU A 72 8.76 -0.36 -7.43
N HIS A 73 9.45 -0.11 -6.31
CA HIS A 73 8.88 0.66 -5.22
C HIS A 73 8.28 1.98 -5.69
N HIS A 74 9.04 2.74 -6.48
CA HIS A 74 8.59 4.08 -6.86
C HIS A 74 7.31 4.06 -7.68
N GLU A 75 7.00 2.95 -8.36
N GLU A 75 7.03 2.96 -8.39
CA GLU A 75 5.77 2.89 -9.15
CA GLU A 75 5.78 2.86 -9.15
C GLU A 75 4.54 2.86 -8.24
C GLU A 75 4.58 2.92 -8.20
N ALA A 76 4.65 2.19 -7.09
CA ALA A 76 3.56 2.20 -6.13
C ALA A 76 3.44 3.56 -5.46
N VAL A 77 4.57 4.20 -5.17
CA VAL A 77 4.54 5.55 -4.61
C VAL A 77 3.82 6.50 -5.56
N GLU A 78 4.19 6.45 -6.84
CA GLU A 78 3.54 7.30 -7.83
C GLU A 78 2.03 7.02 -7.88
N ALA A 79 1.64 5.76 -7.80
CA ALA A 79 0.21 5.44 -7.86
C ALA A 79 -0.52 6.04 -6.68
N LEU A 80 0.03 5.95 -5.48
CA LEU A 80 -0.66 6.48 -4.32
C LEU A 80 -0.68 8.00 -4.33
N ARG A 81 0.39 8.63 -4.83
N ARG A 81 0.39 8.64 -4.81
CA ARG A 81 0.41 10.09 -4.89
CA ARG A 81 0.40 10.10 -4.89
C ARG A 81 -0.68 10.63 -5.81
C ARG A 81 -0.74 10.59 -5.77
N GLY A 82 -1.05 9.87 -6.83
CA GLY A 82 -2.06 10.33 -7.74
C GLY A 82 -3.48 9.92 -7.43
N ALA A 83 -3.75 9.30 -6.27
CA ALA A 83 -4.94 8.48 -6.13
C ALA A 83 -6.22 9.22 -5.74
N GLY A 84 -6.14 10.45 -5.25
CA GLY A 84 -7.37 11.20 -4.99
C GLY A 84 -8.09 10.89 -3.68
N THR A 85 -9.37 11.29 -3.64
CA THR A 85 -10.17 11.35 -2.40
C THR A 85 -10.71 9.98 -1.98
N ALA A 86 -10.88 9.08 -2.93
CA ALA A 86 -11.35 7.73 -2.67
C ALA A 86 -10.34 6.83 -3.37
N VAL A 87 -9.63 6.01 -2.60
CA VAL A 87 -8.55 5.21 -3.14
C VAL A 87 -8.99 3.75 -3.10
N GLN A 88 -9.16 3.13 -4.26
CA GLN A 88 -9.52 1.72 -4.29
C GLN A 88 -8.25 0.87 -4.38
N MET A 89 -8.02 0.09 -3.34
N MET A 89 -8.05 0.03 -3.39
N MET A 89 -8.01 0.10 -3.32
CA MET A 89 -6.82 -0.72 -3.20
CA MET A 89 -6.79 -0.69 -3.25
CA MET A 89 -6.80 -0.72 -3.18
C MET A 89 -7.20 -2.19 -3.29
C MET A 89 -7.08 -2.18 -3.23
C MET A 89 -7.21 -2.18 -3.31
N ARG A 90 -6.68 -2.87 -4.31
CA ARG A 90 -6.87 -4.32 -4.44
C ARG A 90 -5.67 -4.97 -3.79
N VAL A 91 -5.91 -5.82 -2.78
CA VAL A 91 -4.85 -6.47 -2.02
C VAL A 91 -5.04 -7.97 -2.00
N TRP A 92 -3.92 -8.67 -1.78
CA TRP A 92 -3.94 -10.09 -1.47
C TRP A 92 -3.57 -10.25 -0.01
N ARG A 93 -4.40 -10.95 0.75
CA ARG A 93 -4.21 -11.11 2.19
C ARG A 93 -3.97 -12.57 2.46
N GLU A 94 -2.72 -12.91 2.77
CA GLU A 94 -2.36 -14.27 3.13
C GLU A 94 -3.03 -14.63 4.45
N ARG A 95 -3.56 -15.85 4.52
CA ARG A 95 -4.29 -16.30 5.70
C ARG A 95 -3.30 -16.63 6.80
C ACE B 1 20.18 7.38 -6.56
O ACE B 1 19.02 7.78 -6.70
CH3 ACE B 1 21.36 8.32 -6.59
N LYS B 2 20.43 6.09 -6.37
CA LYS B 2 19.38 5.08 -6.33
C LYS B 2 19.15 4.55 -4.91
N PRO B 3 17.93 4.64 -4.40
CA PRO B 3 17.66 4.07 -3.07
C PRO B 3 17.98 2.58 -3.03
N ASN B 4 18.58 2.13 -1.92
CA ASN B 4 18.90 0.72 -1.70
C ASN B 4 18.35 0.27 -0.36
N GLY B 5 18.18 -1.05 -0.24
CA GLY B 5 17.74 -1.67 1.00
C GLY B 5 16.24 -1.87 1.06
N LEU B 6 15.71 -1.87 2.27
CA LEU B 6 14.28 -2.04 2.49
C LEU B 6 13.64 -0.69 2.26
N LEU B 7 12.88 -0.56 1.18
CA LEU B 7 12.29 0.71 0.80
C LEU B 7 10.90 0.81 1.40
N ILE B 8 10.69 1.83 2.20
CA ILE B 8 9.42 2.09 2.86
C ILE B 8 9.07 3.55 2.65
N THR B 9 7.84 3.82 2.21
N THR B 9 7.87 3.82 2.14
N THR B 9 7.90 3.82 2.11
CA THR B 9 7.39 5.18 1.95
CA THR B 9 7.41 5.18 1.96
CA THR B 9 7.44 5.19 2.01
C THR B 9 6.08 5.41 2.68
C THR B 9 6.11 5.39 2.72
C THR B 9 6.16 5.34 2.82
N ASP B 10 6.03 6.50 3.44
CA ASP B 10 4.90 6.80 4.31
C ASP B 10 3.98 7.85 3.71
N PHE B 11 2.67 7.62 3.91
CA PHE B 11 1.61 8.55 3.54
C PHE B 11 0.88 8.84 4.84
N PRO B 12 1.42 9.76 5.65
CA PRO B 12 0.87 10.09 6.98
C PRO B 12 -0.53 10.64 6.86
N NH2 B 13 -1.39 10.28 7.81
C FMT C . 0.28 8.62 11.03
O1 FMT C . -0.22 8.58 9.90
O2 FMT C . 0.09 7.76 11.88
#